data_8UFE
#
_entry.id   8UFE
#
_cell.length_a   1.00
_cell.length_b   1.00
_cell.length_c   1.00
_cell.angle_alpha   90.00
_cell.angle_beta   90.00
_cell.angle_gamma   90.00
#
_symmetry.space_group_name_H-M   'P 1'
#
loop_
_entity.id
_entity.type
_entity.pdbx_description
1 polymer 'Integral membrane efflux protein EfpA'
2 non-polymer PHOSPHATIDYLETHANOLAMINE
#
_entity_poly.entity_id   1
_entity_poly.type   'polypeptide(L)'
_entity_poly.pdbx_seq_one_letter_code
;WGFLSAVIAIGGMQLLATMDSTVAIVALPKIQDELSLSDAGRSWVITAYVLTFGGLMLLGGRLGDTIGRKRTFIVGVMLF
TIASVLCGIAWNETTLVTARLLQGVGAAIASPTGLALVATTFPKGPARNAATAVFGAMTAIGSVMGLVVGGALTEVSWRW
AFLVNVPIGLVMVYLARTALQETNRERMKLDAAGALLATLACTAAVFAFTQGPESGWLAPITLASGAAALVFGLAFLIAE
RNAENPVVPFALFRERNRVATFAAIFLAGGVLFTLTVLIGLYVQDILGYSALRAGVGFIPFVIGMGIGLGAASQLVRSIP
PRVLVIAGGILVLGAMIYGSTLHRGIPYFPNLVLPITIGGIGIGTIVVPLTLSAIAGVNLDRIGPASAIALMLQNLGGPL
VLAVIQAVITSRTLFLGGTTGPVKAMNDEQIGALDAAYTYGLLWVAAVAVLVGAAALFIGYTSQQVAHAQ
;
_entity_poly.pdbx_strand_id   A
#
loop_
_chem_comp.id
_chem_comp.type
_chem_comp.name
_chem_comp.formula
PTY non-polymer PHOSPHATIDYLETHANOLAMINE 'C40 H80 N O8 P'
#
# COMPACT_ATOMS: atom_id res chain seq x y z
N TRP A 1 26.84 -12.36 4.70
CA TRP A 1 27.00 -11.35 5.73
C TRP A 1 26.34 -10.04 5.30
N GLY A 2 26.58 -9.64 4.06
CA GLY A 2 25.98 -8.44 3.50
C GLY A 2 24.57 -8.62 2.99
N PHE A 3 24.04 -9.84 3.07
CA PHE A 3 22.67 -10.08 2.62
C PHE A 3 21.69 -9.20 3.38
N LEU A 4 21.83 -9.15 4.70
CA LEU A 4 20.97 -8.27 5.49
C LEU A 4 21.20 -6.81 5.13
N SER A 5 22.46 -6.37 5.13
CA SER A 5 22.76 -4.97 4.87
C SER A 5 22.26 -4.53 3.50
N ALA A 6 22.00 -5.48 2.61
CA ALA A 6 21.32 -5.19 1.36
C ALA A 6 19.79 -5.20 1.50
N VAL A 7 19.23 -6.23 2.16
CA VAL A 7 17.79 -6.44 2.10
C VAL A 7 17.05 -5.38 2.92
N ILE A 8 17.48 -5.12 4.16
CA ILE A 8 16.82 -4.05 4.91
C ILE A 8 17.04 -2.69 4.24
N ALA A 9 18.25 -2.47 3.71
CA ALA A 9 18.51 -1.18 3.06
C ALA A 9 17.56 -0.96 1.89
N ILE A 10 17.35 -1.99 1.07
CA ILE A 10 16.48 -1.83 -0.10
C ILE A 10 15.02 -1.70 0.31
N GLY A 11 14.57 -2.57 1.23
CA GLY A 11 13.16 -2.63 1.52
C GLY A 11 12.63 -1.64 2.53
N GLY A 12 13.50 -0.92 3.23
CA GLY A 12 13.02 -0.07 4.30
C GLY A 12 12.18 1.12 3.87
N MET A 13 12.05 1.37 2.57
CA MET A 13 11.21 2.47 2.12
C MET A 13 9.78 2.26 2.60
N GLN A 14 9.30 1.01 2.55
CA GLN A 14 7.93 0.73 3.00
C GLN A 14 7.73 1.07 4.46
N LEU A 15 8.78 1.00 5.28
CA LEU A 15 8.70 1.44 6.66
C LEU A 15 8.05 2.80 6.76
N LEU A 16 8.67 3.83 6.17
CA LEU A 16 8.07 5.15 6.17
C LEU A 16 6.80 5.21 5.34
N ALA A 17 6.78 4.50 4.20
CA ALA A 17 5.62 4.57 3.30
C ALA A 17 4.33 4.16 4.01
N THR A 18 4.42 3.30 5.02
CA THR A 18 3.24 2.93 5.80
C THR A 18 3.18 3.62 7.15
N MET A 19 4.34 3.84 7.79
CA MET A 19 4.39 4.51 9.08
C MET A 19 3.82 5.91 9.00
N ASP A 20 4.20 6.67 7.97
CA ASP A 20 3.72 8.04 7.87
C ASP A 20 2.22 8.07 7.69
N SER A 21 1.68 7.18 6.85
CA SER A 21 0.24 7.14 6.63
C SER A 21 -0.49 6.79 7.91
N THR A 22 -0.06 5.73 8.60
CA THR A 22 -0.74 5.31 9.82
C THR A 22 -0.63 6.36 10.91
N VAL A 23 0.57 6.95 11.09
CA VAL A 23 0.77 7.96 12.11
C VAL A 23 -0.06 9.19 11.83
N ALA A 24 -0.14 9.61 10.56
CA ALA A 24 -0.97 10.74 10.21
C ALA A 24 -2.43 10.45 10.49
N ILE A 25 -2.92 9.26 10.11
CA ILE A 25 -4.31 8.91 10.36
C ILE A 25 -4.60 8.93 11.86
N VAL A 26 -3.63 8.50 12.67
CA VAL A 26 -3.81 8.51 14.12
C VAL A 26 -3.82 9.94 14.65
N ALA A 27 -2.91 10.78 14.16
CA ALA A 27 -2.65 12.09 14.77
C ALA A 27 -3.43 13.23 14.12
N LEU A 28 -4.31 12.94 13.16
CA LEU A 28 -5.19 13.98 12.61
C LEU A 28 -5.92 14.81 13.67
N PRO A 29 -6.59 14.22 14.67
CA PRO A 29 -7.27 15.08 15.66
C PRO A 29 -6.31 15.89 16.50
N LYS A 30 -5.15 15.34 16.84
CA LYS A 30 -4.17 16.10 17.61
C LYS A 30 -3.66 17.30 16.82
N ILE A 31 -3.39 17.10 15.52
CA ILE A 31 -2.95 18.21 14.68
C ILE A 31 -4.06 19.24 14.54
N GLN A 32 -5.30 18.78 14.40
CA GLN A 32 -6.41 19.72 14.31
C GLN A 32 -6.55 20.55 15.59
N ASP A 33 -6.34 19.92 16.74
CA ASP A 33 -6.38 20.66 18.00
C ASP A 33 -5.22 21.64 18.12
N GLU A 34 -4.03 21.23 17.67
CA GLU A 34 -2.85 22.08 17.84
C GLU A 34 -2.90 23.27 16.88
N LEU A 35 -2.89 23.01 15.57
CA LEU A 35 -2.92 24.06 14.58
C LEU A 35 -4.37 24.39 14.23
N SER A 36 -4.58 25.64 13.78
CA SER A 36 -5.92 26.10 13.44
C SER A 36 -6.33 25.46 12.11
N LEU A 37 -6.75 24.20 12.21
CA LEU A 37 -7.13 23.40 11.05
C LEU A 37 -8.55 22.91 11.20
N SER A 38 -9.29 22.91 10.09
CA SER A 38 -10.66 22.41 10.07
C SER A 38 -10.65 20.95 9.59
N ASP A 39 -11.84 20.38 9.36
CA ASP A 39 -11.91 19.05 8.79
C ASP A 39 -11.29 19.02 7.40
N ALA A 40 -11.58 20.04 6.60
CA ALA A 40 -10.90 20.19 5.32
C ALA A 40 -9.39 20.34 5.51
N GLY A 41 -8.97 20.84 6.66
CA GLY A 41 -7.56 20.91 6.98
C GLY A 41 -6.88 19.56 6.91
N ARG A 42 -7.24 18.65 7.81
CA ARG A 42 -6.66 17.31 7.78
C ARG A 42 -6.99 16.59 6.48
N SER A 43 -8.15 16.88 5.89
CA SER A 43 -8.50 16.29 4.60
C SER A 43 -7.42 16.61 3.57
N TRP A 44 -7.05 17.88 3.43
CA TRP A 44 -5.98 18.24 2.52
C TRP A 44 -4.62 17.80 3.01
N VAL A 45 -4.43 17.64 4.32
CA VAL A 45 -3.19 17.08 4.85
C VAL A 45 -2.93 15.70 4.27
N ILE A 46 -3.98 14.85 4.23
CA ILE A 46 -3.81 13.53 3.63
C ILE A 46 -3.90 13.60 2.10
N THR A 47 -4.67 14.56 1.58
CA THR A 47 -4.84 14.67 0.14
C THR A 47 -3.51 15.04 -0.54
N ALA A 48 -2.71 15.87 0.10
CA ALA A 48 -1.40 16.22 -0.46
C ALA A 48 -0.53 14.97 -0.61
N TYR A 49 -0.51 14.13 0.42
CA TYR A 49 0.26 12.90 0.35
C TYR A 49 -0.23 12.02 -0.79
N VAL A 50 -1.55 11.81 -0.90
CA VAL A 50 -2.02 10.88 -1.91
C VAL A 50 -1.79 11.45 -3.31
N LEU A 51 -1.98 12.77 -3.48
CA LEU A 51 -1.74 13.38 -4.80
C LEU A 51 -0.28 13.24 -5.22
N THR A 52 0.65 13.58 -4.33
CA THR A 52 2.05 13.49 -4.70
C THR A 52 2.58 12.06 -4.64
N PHE A 53 1.80 11.10 -4.14
CA PHE A 53 2.19 9.71 -4.24
C PHE A 53 1.68 9.07 -5.53
N GLY A 54 0.53 9.53 -6.03
CA GLY A 54 -0.02 8.96 -7.25
C GLY A 54 0.45 9.64 -8.51
N GLY A 55 0.49 10.98 -8.50
CA GLY A 55 0.84 11.70 -9.71
C GLY A 55 2.27 11.46 -10.15
N LEU A 56 3.20 11.42 -9.20
CA LEU A 56 4.60 11.18 -9.49
C LEU A 56 4.95 9.69 -9.53
N MET A 57 3.95 8.81 -9.45
CA MET A 57 4.21 7.38 -9.43
C MET A 57 4.87 6.92 -10.72
N LEU A 58 4.27 7.25 -11.86
CA LEU A 58 4.79 6.78 -13.14
C LEU A 58 6.12 7.45 -13.48
N LEU A 59 6.21 8.77 -13.27
CA LEU A 59 7.48 9.45 -13.50
C LEU A 59 8.55 8.95 -12.55
N GLY A 60 8.19 8.69 -11.29
CA GLY A 60 9.15 8.11 -10.37
C GLY A 60 9.64 6.74 -10.82
N GLY A 61 8.74 5.92 -11.35
CA GLY A 61 9.14 4.63 -11.86
C GLY A 61 10.06 4.74 -13.07
N ARG A 62 9.76 5.69 -13.97
CA ARG A 62 10.61 5.90 -15.13
C ARG A 62 11.92 6.61 -14.79
N LEU A 63 12.04 7.19 -13.60
CA LEU A 63 13.27 7.89 -13.26
C LEU A 63 14.40 6.91 -12.99
N GLY A 64 14.73 6.12 -14.00
CA GLY A 64 15.87 5.22 -13.93
C GLY A 64 16.60 5.25 -15.25
N ASP A 65 17.89 4.91 -15.19
CA ASP A 65 18.82 5.03 -16.30
C ASP A 65 19.03 6.47 -16.76
N THR A 66 18.49 7.44 -16.02
CA THR A 66 18.72 8.86 -16.25
C THR A 66 19.46 9.51 -15.10
N ILE A 67 18.97 9.32 -13.87
CA ILE A 67 19.65 9.81 -12.67
C ILE A 67 20.43 8.65 -12.05
N GLY A 68 19.86 7.45 -12.12
CA GLY A 68 20.45 6.26 -11.57
C GLY A 68 19.47 5.51 -10.69
N ARG A 69 20.00 4.48 -10.03
CA ARG A 69 19.21 3.69 -9.08
C ARG A 69 19.50 4.06 -7.64
N LYS A 70 20.76 3.91 -7.22
CA LYS A 70 21.12 4.23 -5.85
C LYS A 70 20.94 5.72 -5.57
N ARG A 71 21.35 6.56 -6.52
CA ARG A 71 21.18 8.00 -6.34
C ARG A 71 19.70 8.38 -6.28
N THR A 72 18.87 7.72 -7.08
CA THR A 72 17.43 7.98 -7.03
C THR A 72 16.86 7.60 -5.67
N PHE A 73 17.21 6.42 -5.17
CA PHE A 73 16.70 6.01 -3.86
C PHE A 73 17.19 6.95 -2.76
N ILE A 74 18.46 7.35 -2.83
CA ILE A 74 19.03 8.20 -1.79
C ILE A 74 18.38 9.58 -1.80
N VAL A 75 18.18 10.15 -2.98
CA VAL A 75 17.51 11.45 -3.03
C VAL A 75 16.06 11.32 -2.58
N GLY A 76 15.41 10.19 -2.86
CA GLY A 76 14.07 9.98 -2.37
C GLY A 76 13.99 9.97 -0.86
N VAL A 77 14.90 9.22 -0.22
CA VAL A 77 14.85 9.17 1.24
C VAL A 77 15.29 10.49 1.85
N MET A 78 16.22 11.20 1.20
CA MET A 78 16.61 12.51 1.69
C MET A 78 15.43 13.47 1.67
N LEU A 79 14.68 13.49 0.56
CA LEU A 79 13.49 14.32 0.49
C LEU A 79 12.46 13.91 1.53
N PHE A 80 12.29 12.60 1.73
CA PHE A 80 11.34 12.12 2.73
C PHE A 80 11.72 12.60 4.13
N THR A 81 13.00 12.46 4.50
CA THR A 81 13.43 12.87 5.83
C THR A 81 13.31 14.38 6.01
N ILE A 82 13.71 15.16 5.00
CA ILE A 82 13.62 16.61 5.10
C ILE A 82 12.18 17.06 5.21
N ALA A 83 11.28 16.45 4.42
CA ALA A 83 9.87 16.81 4.50
C ALA A 83 9.28 16.43 5.84
N SER A 84 9.67 15.28 6.41
CA SER A 84 9.16 14.89 7.71
C SER A 84 9.64 15.85 8.79
N VAL A 85 10.92 16.25 8.74
CA VAL A 85 11.40 17.19 9.76
C VAL A 85 10.76 18.55 9.59
N LEU A 86 10.46 18.95 8.34
CA LEU A 86 9.69 20.18 8.14
C LEU A 86 8.28 20.07 8.69
N CYS A 87 7.67 18.88 8.57
CA CYS A 87 6.40 18.65 9.21
C CYS A 87 6.52 18.79 10.72
N GLY A 88 7.61 18.30 11.28
CA GLY A 88 7.85 18.44 12.71
C GLY A 88 7.97 19.89 13.13
N ILE A 89 8.71 20.68 12.38
CA ILE A 89 8.86 22.11 12.64
C ILE A 89 7.86 22.83 11.74
N ALA A 90 6.64 22.98 12.23
CA ALA A 90 5.57 23.59 11.46
C ALA A 90 4.87 24.65 12.31
N TRP A 91 4.40 25.71 11.64
CA TRP A 91 3.71 26.79 12.33
C TRP A 91 2.47 27.28 11.59
N ASN A 92 2.10 26.68 10.46
CA ASN A 92 0.95 27.14 9.70
C ASN A 92 0.44 25.99 8.84
N GLU A 93 -0.78 26.16 8.32
CA GLU A 93 -1.35 25.15 7.42
C GLU A 93 -0.56 25.05 6.13
N THR A 94 -0.14 26.20 5.58
CA THR A 94 0.53 26.21 4.28
C THR A 94 1.87 25.47 4.34
N THR A 95 2.67 25.72 5.38
CA THR A 95 3.96 25.04 5.48
C THR A 95 3.78 23.55 5.71
N LEU A 96 2.78 23.16 6.50
CA LEU A 96 2.50 21.75 6.68
C LEU A 96 2.09 21.09 5.38
N VAL A 97 1.25 21.76 4.59
CA VAL A 97 0.82 21.21 3.31
C VAL A 97 2.01 21.09 2.36
N THR A 98 2.89 22.09 2.34
CA THR A 98 4.08 22.03 1.50
C THR A 98 4.98 20.87 1.91
N ALA A 99 5.15 20.69 3.23
CA ALA A 99 5.95 19.57 3.71
C ALA A 99 5.34 18.23 3.30
N ARG A 100 4.01 18.12 3.37
CA ARG A 100 3.35 16.89 2.97
C ARG A 100 3.52 16.66 1.48
N LEU A 101 3.44 17.73 0.67
CA LEU A 101 3.65 17.61 -0.77
C LEU A 101 5.05 17.10 -1.08
N LEU A 102 6.05 17.67 -0.41
CA LEU A 102 7.42 17.19 -0.60
C LEU A 102 7.57 15.74 -0.14
N GLN A 103 6.89 15.39 0.96
CA GLN A 103 6.93 14.02 1.45
C GLN A 103 6.39 13.05 0.41
N GLY A 104 5.24 13.39 -0.17
CA GLY A 104 4.66 12.54 -1.19
C GLY A 104 5.53 12.45 -2.43
N VAL A 105 6.14 13.58 -2.82
CA VAL A 105 7.03 13.56 -3.98
C VAL A 105 8.21 12.62 -3.73
N GLY A 106 8.81 12.72 -2.55
CA GLY A 106 9.93 11.83 -2.23
C GLY A 106 9.52 10.37 -2.17
N ALA A 107 8.37 10.09 -1.56
CA ALA A 107 7.90 8.71 -1.48
C ALA A 107 7.59 8.15 -2.86
N ALA A 108 7.02 8.96 -3.75
CA ALA A 108 6.74 8.50 -5.10
C ALA A 108 8.01 8.31 -5.92
N ILE A 109 9.04 9.12 -5.64
CA ILE A 109 10.32 8.91 -6.30
C ILE A 109 10.96 7.61 -5.83
N ALA A 110 10.81 7.29 -4.54
CA ALA A 110 11.56 6.18 -3.96
C ALA A 110 10.87 4.83 -4.09
N SER A 111 9.55 4.76 -3.84
CA SER A 111 8.90 3.46 -3.67
C SER A 111 8.97 2.55 -4.89
N PRO A 112 8.66 3.00 -6.12
CA PRO A 112 8.84 2.08 -7.26
C PRO A 112 10.28 1.64 -7.44
N THR A 113 11.22 2.54 -7.14
CA THR A 113 12.63 2.18 -7.23
C THR A 113 12.99 1.10 -6.22
N GLY A 114 12.20 0.92 -5.16
CA GLY A 114 12.46 -0.19 -4.25
C GLY A 114 12.29 -1.54 -4.93
N LEU A 115 11.16 -1.75 -5.60
CA LEU A 115 10.97 -2.98 -6.35
C LEU A 115 11.93 -3.06 -7.52
N ALA A 116 12.21 -1.93 -8.17
CA ALA A 116 13.17 -1.94 -9.27
C ALA A 116 14.55 -2.40 -8.80
N LEU A 117 14.95 -1.99 -7.60
CA LEU A 117 16.25 -2.36 -7.05
C LEU A 117 16.26 -3.81 -6.59
N VAL A 118 15.19 -4.27 -5.95
CA VAL A 118 15.15 -5.66 -5.51
C VAL A 118 15.03 -6.60 -6.70
N ALA A 119 14.63 -6.08 -7.86
CA ALA A 119 14.65 -6.88 -9.09
C ALA A 119 16.01 -6.80 -9.78
N THR A 120 16.64 -5.63 -9.80
CA THR A 120 17.95 -5.49 -10.43
C THR A 120 19.00 -6.30 -9.66
N THR A 121 19.07 -6.12 -8.35
CA THR A 121 19.86 -7.00 -7.52
C THR A 121 19.08 -8.27 -7.20
N PHE A 122 19.79 -9.28 -6.70
CA PHE A 122 19.21 -10.60 -6.47
C PHE A 122 18.53 -11.08 -7.74
N PRO A 123 19.30 -11.48 -8.76
CA PRO A 123 18.72 -11.71 -10.10
C PRO A 123 17.57 -12.69 -10.12
N LYS A 124 17.80 -13.91 -9.67
CA LYS A 124 16.76 -14.94 -9.65
C LYS A 124 17.25 -16.13 -8.84
N GLY A 125 16.38 -16.65 -7.99
CA GLY A 125 16.72 -17.78 -7.16
C GLY A 125 16.29 -17.59 -5.72
N PRO A 126 17.01 -18.23 -4.79
CA PRO A 126 16.69 -18.05 -3.37
C PRO A 126 16.79 -16.61 -2.92
N ALA A 127 17.72 -15.84 -3.48
CA ALA A 127 17.89 -14.45 -3.07
C ALA A 127 16.63 -13.64 -3.37
N ARG A 128 16.04 -13.82 -4.55
CA ARG A 128 14.86 -13.04 -4.91
C ARG A 128 13.67 -13.35 -4.00
N ASN A 129 13.43 -14.64 -3.73
CA ASN A 129 12.32 -14.99 -2.86
C ASN A 129 12.55 -14.50 -1.43
N ALA A 130 13.78 -14.65 -0.93
CA ALA A 130 14.08 -14.16 0.41
C ALA A 130 13.91 -12.65 0.48
N ALA A 131 14.30 -11.93 -0.57
CA ALA A 131 14.18 -10.49 -0.58
C ALA A 131 12.72 -10.05 -0.64
N THR A 132 11.90 -10.77 -1.41
CA THR A 132 10.46 -10.45 -1.43
C THR A 132 9.83 -10.72 -0.08
N ALA A 133 10.25 -11.79 0.59
CA ALA A 133 9.77 -12.03 1.95
C ALA A 133 10.20 -10.92 2.89
N VAL A 134 11.44 -10.44 2.75
CA VAL A 134 11.89 -9.30 3.54
C VAL A 134 11.03 -8.08 3.25
N PHE A 135 10.66 -7.89 1.98
CA PHE A 135 9.79 -6.78 1.60
C PHE A 135 8.44 -6.84 2.31
N GLY A 136 7.81 -8.02 2.29
CA GLY A 136 6.53 -8.18 2.96
C GLY A 136 6.62 -7.98 4.46
N ALA A 137 7.62 -8.62 5.08
CA ALA A 137 7.80 -8.43 6.51
C ALA A 137 8.12 -6.99 6.84
N MET A 138 8.78 -6.29 5.91
CA MET A 138 9.12 -4.89 6.09
C MET A 138 7.89 -4.02 6.13
N THR A 139 6.99 -4.18 5.16
CA THR A 139 5.78 -3.36 5.19
C THR A 139 4.91 -3.71 6.38
N ALA A 140 4.85 -4.99 6.77
CA ALA A 140 4.08 -5.36 7.96
C ALA A 140 4.66 -4.72 9.21
N ILE A 141 5.99 -4.80 9.37
CA ILE A 141 6.64 -4.23 10.54
C ILE A 141 6.46 -2.71 10.57
N GLY A 142 6.58 -2.07 9.41
CA GLY A 142 6.34 -0.64 9.35
C GLY A 142 4.94 -0.28 9.79
N SER A 143 3.95 -1.06 9.35
CA SER A 143 2.56 -0.76 9.72
C SER A 143 2.35 -0.90 11.23
N VAL A 144 2.84 -2.01 11.81
CA VAL A 144 2.59 -2.22 13.23
C VAL A 144 3.34 -1.19 14.07
N MET A 145 4.58 -0.89 13.69
CA MET A 145 5.36 0.10 14.43
C MET A 145 4.73 1.49 14.31
N GLY A 146 4.18 1.82 13.14
CA GLY A 146 3.47 3.07 13.00
C GLY A 146 2.25 3.14 13.90
N LEU A 147 1.49 2.04 13.97
CA LEU A 147 0.33 2.01 14.85
C LEU A 147 0.75 2.20 16.30
N VAL A 148 1.82 1.49 16.72
CA VAL A 148 2.27 1.57 18.11
C VAL A 148 2.76 2.98 18.44
N VAL A 149 3.53 3.58 17.54
CA VAL A 149 4.05 4.92 17.78
C VAL A 149 2.92 5.93 17.83
N GLY A 150 1.97 5.84 16.90
CA GLY A 150 0.85 6.75 16.93
C GLY A 150 0.02 6.63 18.20
N GLY A 151 -0.16 5.41 18.69
CA GLY A 151 -0.87 5.22 19.94
C GLY A 151 -0.11 5.75 21.14
N ALA A 152 1.22 5.57 21.15
CA ALA A 152 1.99 5.85 22.36
C ALA A 152 2.40 7.32 22.45
N LEU A 153 3.06 7.84 21.43
CA LEU A 153 3.67 9.16 21.50
C LEU A 153 2.72 10.28 21.08
N THR A 154 1.41 10.07 21.22
CA THR A 154 0.44 11.10 20.86
C THR A 154 0.10 12.02 22.03
N GLU A 155 0.14 11.51 23.27
CA GLU A 155 -0.23 12.35 24.41
C GLU A 155 0.85 13.37 24.72
N VAL A 156 2.09 13.12 24.35
CA VAL A 156 3.17 14.05 24.62
C VAL A 156 3.06 15.22 23.64
N SER A 157 3.24 14.94 22.36
CA SER A 157 3.11 15.93 21.30
C SER A 157 3.21 15.23 19.95
N TRP A 158 2.42 15.70 18.98
CA TRP A 158 2.48 15.13 17.64
C TRP A 158 3.79 15.44 16.93
N ARG A 159 4.55 16.42 17.43
CA ARG A 159 5.82 16.76 16.81
C ARG A 159 6.76 15.56 16.82
N TRP A 160 6.83 14.84 17.95
CA TRP A 160 7.61 13.61 17.99
C TRP A 160 6.98 12.53 17.11
N ALA A 161 5.65 12.50 17.04
CA ALA A 161 4.97 11.50 16.22
C ALA A 161 5.34 11.65 14.75
N PHE A 162 5.65 12.87 14.31
CA PHE A 162 6.15 13.06 12.97
C PHE A 162 7.67 13.02 12.88
N LEU A 163 8.36 13.32 13.98
CA LEU A 163 9.82 13.35 14.01
C LEU A 163 10.44 11.98 14.03
N VAL A 164 9.70 10.95 14.48
CA VAL A 164 10.25 9.61 14.59
C VAL A 164 10.78 9.09 13.26
N ASN A 165 10.34 9.67 12.14
CA ASN A 165 10.86 9.26 10.84
C ASN A 165 12.33 9.60 10.70
N VAL A 166 12.76 10.73 11.26
CA VAL A 166 14.13 11.21 11.02
C VAL A 166 15.19 10.23 11.52
N PRO A 167 15.10 9.65 12.72
CA PRO A 167 16.10 8.63 13.10
C PRO A 167 16.08 7.41 12.19
N ILE A 168 14.88 6.87 11.92
CA ILE A 168 14.76 5.71 11.04
C ILE A 168 15.25 6.05 9.64
N GLY A 169 14.85 7.22 9.13
CA GLY A 169 15.32 7.63 7.82
C GLY A 169 16.83 7.76 7.76
N LEU A 170 17.43 8.34 8.81
CA LEU A 170 18.87 8.55 8.83
C LEU A 170 19.63 7.22 8.86
N VAL A 171 19.19 6.28 9.70
CA VAL A 171 19.88 4.99 9.72
C VAL A 171 19.68 4.29 8.38
N MET A 172 18.51 4.45 7.77
CA MET A 172 18.28 3.87 6.44
C MET A 172 19.24 4.43 5.41
N VAL A 173 19.43 5.76 5.41
CA VAL A 173 20.39 6.34 4.49
C VAL A 173 21.79 5.82 4.80
N TYR A 174 22.09 5.58 6.07
CA TYR A 174 23.38 4.98 6.42
C TYR A 174 23.56 3.63 5.72
N LEU A 175 22.59 2.72 5.86
CA LEU A 175 22.76 1.43 5.19
C LEU A 175 22.71 1.56 3.68
N ALA A 176 21.89 2.46 3.15
CA ALA A 176 21.75 2.60 1.70
C ALA A 176 23.05 3.10 1.07
N ARG A 177 23.63 4.15 1.64
CA ARG A 177 24.91 4.64 1.13
C ARG A 177 26.01 3.61 1.35
N THR A 178 26.02 2.94 2.51
CA THR A 178 27.10 2.02 2.83
C THR A 178 27.00 0.71 2.06
N ALA A 179 25.80 0.13 1.97
CA ALA A 179 25.64 -1.24 1.51
C ALA A 179 24.59 -1.37 0.42
N LEU A 180 24.62 -0.48 -0.57
CA LEU A 180 23.83 -0.64 -1.78
C LEU A 180 24.77 -0.49 -2.97
N GLN A 181 24.84 -1.54 -3.80
CA GLN A 181 25.82 -1.56 -4.88
C GLN A 181 25.51 -0.48 -5.91
N GLU A 182 26.56 0.22 -6.34
CA GLU A 182 26.41 1.25 -7.35
C GLU A 182 26.05 0.63 -8.69
N THR A 183 25.12 1.27 -9.40
CA THR A 183 24.70 0.77 -10.70
C THR A 183 25.82 0.90 -11.72
N ASN A 184 25.82 -0.02 -12.69
CA ASN A 184 26.79 0.06 -13.77
C ASN A 184 26.49 1.24 -14.67
N ARG A 185 27.49 1.61 -15.48
CA ARG A 185 27.37 2.79 -16.34
C ARG A 185 26.36 2.48 -17.44
N GLU A 186 25.13 2.94 -17.26
CA GLU A 186 24.07 2.73 -18.24
C GLU A 186 23.14 3.95 -18.18
N ARG A 187 23.31 4.86 -19.12
CA ARG A 187 22.55 6.10 -19.17
C ARG A 187 21.65 6.11 -20.40
N MET A 188 20.43 6.63 -20.21
CA MET A 188 19.46 6.70 -21.30
C MET A 188 18.44 7.78 -20.94
N LYS A 189 18.33 8.80 -21.80
CA LYS A 189 17.41 9.90 -21.53
C LYS A 189 15.96 9.45 -21.70
N LEU A 190 15.06 10.22 -21.09
CA LEU A 190 13.64 9.94 -21.15
C LEU A 190 12.92 11.09 -21.86
N ASP A 191 11.89 10.74 -22.63
CA ASP A 191 11.07 11.73 -23.32
C ASP A 191 9.97 12.20 -22.38
N ALA A 192 10.09 13.43 -21.88
CA ALA A 192 9.13 13.98 -20.95
C ALA A 192 7.81 14.35 -21.62
N ALA A 193 7.73 14.31 -22.95
CA ALA A 193 6.51 14.72 -23.64
C ALA A 193 5.32 13.86 -23.22
N GLY A 194 5.51 12.55 -23.15
CA GLY A 194 4.47 11.67 -22.66
C GLY A 194 4.47 11.56 -21.14
N ALA A 195 5.64 11.80 -20.54
CA ALA A 195 5.77 11.65 -19.10
C ALA A 195 4.95 12.69 -18.35
N LEU A 196 5.00 13.95 -18.80
CA LEU A 196 4.20 14.99 -18.15
C LEU A 196 2.71 14.70 -18.27
N LEU A 197 2.28 14.25 -19.45
CA LEU A 197 0.88 13.93 -19.65
C LEU A 197 0.44 12.76 -18.76
N ALA A 198 1.28 11.72 -18.65
CA ALA A 198 0.93 10.59 -17.79
C ALA A 198 0.88 11.02 -16.33
N THR A 199 1.82 11.86 -15.90
CA THR A 199 1.81 12.36 -14.54
C THR A 199 0.55 13.17 -14.27
N LEU A 200 0.15 14.02 -15.21
CA LEU A 200 -1.07 14.81 -15.03
C LEU A 200 -2.30 13.91 -15.00
N ALA A 201 -2.34 12.87 -15.83
CA ALA A 201 -3.48 11.97 -15.82
C ALA A 201 -3.59 11.23 -14.49
N CYS A 202 -2.46 10.73 -13.98
CA CYS A 202 -2.47 10.04 -12.69
C CYS A 202 -2.85 11.00 -11.57
N THR A 203 -2.37 12.24 -11.64
CA THR A 203 -2.73 13.23 -10.64
C THR A 203 -4.23 13.50 -10.64
N ALA A 204 -4.82 13.63 -11.83
CA ALA A 204 -6.27 13.85 -11.92
C ALA A 204 -7.04 12.65 -11.39
N ALA A 205 -6.58 11.44 -11.72
CA ALA A 205 -7.26 10.23 -11.24
C ALA A 205 -7.23 10.15 -9.72
N VAL A 206 -6.05 10.42 -9.12
CA VAL A 206 -5.94 10.39 -7.67
C VAL A 206 -6.76 11.50 -7.04
N PHE A 207 -6.81 12.67 -7.70
CA PHE A 207 -7.65 13.76 -7.24
C PHE A 207 -9.10 13.31 -7.15
N ALA A 208 -9.61 12.69 -8.22
CA ALA A 208 -10.99 12.24 -8.24
C ALA A 208 -11.25 11.18 -7.17
N PHE A 209 -10.33 10.22 -7.05
CA PHE A 209 -10.52 9.14 -6.09
C PHE A 209 -10.52 9.67 -4.66
N THR A 210 -9.66 10.64 -4.36
CA THR A 210 -9.61 11.20 -3.01
C THR A 210 -10.80 12.11 -2.73
N GLN A 211 -11.25 12.89 -3.71
CA GLN A 211 -12.35 13.82 -3.48
C GLN A 211 -13.73 13.18 -3.62
N GLY A 212 -13.80 11.94 -4.09
CA GLY A 212 -15.06 11.24 -4.18
C GLY A 212 -15.79 11.10 -2.84
N PRO A 213 -15.22 10.30 -1.93
CA PRO A 213 -15.91 10.08 -0.64
C PRO A 213 -16.04 11.32 0.21
N GLU A 214 -15.23 12.37 -0.05
CA GLU A 214 -15.29 13.57 0.77
C GLU A 214 -16.64 14.26 0.66
N SER A 215 -17.17 14.37 -0.57
CA SER A 215 -18.44 15.07 -0.79
C SER A 215 -19.37 14.29 -1.71
N GLY A 216 -19.13 12.99 -1.89
CA GLY A 216 -19.97 12.17 -2.72
C GLY A 216 -19.54 12.20 -4.18
N TRP A 217 -19.97 11.16 -4.91
CA TRP A 217 -19.69 11.08 -6.33
C TRP A 217 -20.67 11.88 -7.19
N LEU A 218 -21.78 12.34 -6.61
CA LEU A 218 -22.77 13.08 -7.37
C LEU A 218 -22.36 14.51 -7.65
N ALA A 219 -21.39 15.06 -6.91
CA ALA A 219 -20.96 16.42 -7.13
C ALA A 219 -20.28 16.55 -8.50
N PRO A 220 -20.47 17.68 -9.18
CA PRO A 220 -19.84 17.84 -10.50
C PRO A 220 -18.31 17.86 -10.47
N ILE A 221 -17.71 18.16 -9.32
CA ILE A 221 -16.26 18.30 -9.27
C ILE A 221 -15.57 16.98 -9.58
N THR A 222 -16.04 15.89 -8.97
CA THR A 222 -15.41 14.60 -9.20
C THR A 222 -15.66 14.10 -10.62
N LEU A 223 -16.85 14.37 -11.17
CA LEU A 223 -17.10 14.01 -12.57
C LEU A 223 -16.17 14.76 -13.51
N ALA A 224 -15.98 16.05 -13.28
CA ALA A 224 -15.06 16.83 -14.10
C ALA A 224 -13.64 16.30 -13.96
N SER A 225 -13.23 15.97 -12.73
CA SER A 225 -11.89 15.42 -12.52
C SER A 225 -11.70 14.11 -13.27
N GLY A 226 -12.69 13.22 -13.19
CA GLY A 226 -12.59 11.96 -13.91
C GLY A 226 -12.56 12.14 -15.42
N ALA A 227 -13.37 13.07 -15.93
CA ALA A 227 -13.36 13.33 -17.36
C ALA A 227 -12.01 13.88 -17.80
N ALA A 228 -11.44 14.80 -17.02
CA ALA A 228 -10.11 15.32 -17.34
C ALA A 228 -9.08 14.21 -17.32
N ALA A 229 -9.16 13.32 -16.32
CA ALA A 229 -8.23 12.20 -16.25
C ALA A 229 -8.36 11.30 -17.47
N LEU A 230 -9.59 11.03 -17.91
CA LEU A 230 -9.80 10.15 -19.05
C LEU A 230 -9.27 10.76 -20.34
N VAL A 231 -9.55 12.05 -20.58
CA VAL A 231 -9.02 12.67 -21.80
C VAL A 231 -7.51 12.79 -21.74
N PHE A 232 -6.94 13.03 -20.55
CA PHE A 232 -5.50 13.09 -20.42
C PHE A 232 -4.87 11.74 -20.70
N GLY A 233 -5.48 10.66 -20.22
CA GLY A 233 -4.98 9.33 -20.52
C GLY A 233 -5.08 8.99 -21.99
N LEU A 234 -6.19 9.40 -22.63
CA LEU A 234 -6.34 9.18 -24.07
C LEU A 234 -5.23 9.89 -24.84
N ALA A 235 -5.00 11.16 -24.52
CA ALA A 235 -3.91 11.90 -25.17
C ALA A 235 -2.56 11.28 -24.89
N PHE A 236 -2.37 10.78 -23.66
CA PHE A 236 -1.11 10.14 -23.31
C PHE A 236 -0.88 8.90 -24.15
N LEU A 237 -1.89 8.05 -24.30
CA LEU A 237 -1.74 6.88 -25.16
C LEU A 237 -1.48 7.28 -26.60
N ILE A 238 -2.19 8.31 -27.08
CA ILE A 238 -2.01 8.74 -28.46
C ILE A 238 -0.59 9.21 -28.71
N ALA A 239 -0.04 10.01 -27.80
CA ALA A 239 1.30 10.56 -27.96
C ALA A 239 2.40 9.62 -27.47
N GLU A 240 2.04 8.49 -26.88
CA GLU A 240 3.01 7.54 -26.35
C GLU A 240 3.13 6.26 -27.16
N ARG A 241 2.10 5.92 -27.96
CA ARG A 241 2.17 4.69 -28.75
C ARG A 241 3.38 4.67 -29.67
N ASN A 242 3.82 5.83 -30.16
CA ASN A 242 4.98 5.94 -31.03
C ASN A 242 6.12 6.70 -30.37
N ALA A 243 6.36 6.42 -29.09
CA ALA A 243 7.44 7.03 -28.34
C ALA A 243 8.60 6.04 -28.19
N GLU A 244 9.82 6.55 -28.32
CA GLU A 244 11.00 5.68 -28.23
C GLU A 244 11.14 5.07 -26.85
N ASN A 245 10.88 5.84 -25.80
CA ASN A 245 10.97 5.38 -24.42
C ASN A 245 9.67 5.71 -23.70
N PRO A 246 8.64 4.90 -23.89
CA PRO A 246 7.35 5.19 -23.25
C PRO A 246 7.43 5.07 -21.74
N VAL A 247 6.58 5.82 -21.07
CA VAL A 247 6.48 5.72 -19.61
C VAL A 247 5.93 4.35 -19.22
N VAL A 248 4.86 3.92 -19.86
CA VAL A 248 4.27 2.61 -19.66
C VAL A 248 4.32 1.84 -20.98
N PRO A 249 5.34 1.00 -21.17
CA PRO A 249 5.42 0.21 -22.41
C PRO A 249 4.28 -0.77 -22.51
N PHE A 250 3.87 -1.05 -23.75
CA PHE A 250 2.85 -2.06 -24.02
C PHE A 250 3.46 -3.44 -24.22
N ALA A 251 4.79 -3.56 -24.19
CA ALA A 251 5.42 -4.86 -24.38
C ALA A 251 5.02 -5.84 -23.30
N LEU A 252 4.94 -5.37 -22.05
CA LEU A 252 4.50 -6.23 -20.96
C LEU A 252 3.03 -6.60 -21.05
N PHE A 253 2.24 -5.85 -21.83
CA PHE A 253 0.82 -6.12 -21.97
C PHE A 253 0.50 -7.05 -23.13
N ARG A 254 1.50 -7.55 -23.84
CA ARG A 254 1.30 -8.47 -24.96
C ARG A 254 1.31 -9.93 -24.53
N GLU A 255 1.46 -10.20 -23.23
CA GLU A 255 1.46 -11.57 -22.71
C GLU A 255 0.25 -11.75 -21.81
N ARG A 256 -0.50 -12.83 -22.05
CA ARG A 256 -1.72 -13.07 -21.27
C ARG A 256 -1.41 -13.27 -19.80
N ASN A 257 -0.33 -14.00 -19.50
CA ASN A 257 0.02 -14.28 -18.11
C ASN A 257 0.34 -13.00 -17.35
N ARG A 258 1.03 -12.06 -18.00
CA ARG A 258 1.34 -10.80 -17.34
C ARG A 258 0.08 -10.00 -17.03
N VAL A 259 -0.87 -9.97 -17.97
CA VAL A 259 -2.12 -9.27 -17.71
C VAL A 259 -2.88 -9.93 -16.57
N ALA A 260 -2.88 -11.27 -16.55
CA ALA A 260 -3.52 -11.97 -15.45
C ALA A 260 -2.87 -11.63 -14.11
N THR A 261 -1.54 -11.59 -14.08
CA THR A 261 -0.82 -11.25 -12.85
C THR A 261 -1.13 -9.84 -12.39
N PHE A 262 -1.19 -8.89 -13.33
CA PHE A 262 -1.49 -7.51 -12.97
C PHE A 262 -2.92 -7.37 -12.45
N ALA A 263 -3.88 -8.04 -13.08
CA ALA A 263 -5.26 -8.01 -12.59
C ALA A 263 -5.35 -8.64 -11.21
N ALA A 264 -4.64 -9.75 -11.00
CA ALA A 264 -4.63 -10.40 -9.70
C ALA A 264 -4.04 -9.48 -8.63
N ILE A 265 -2.96 -8.78 -8.97
CA ILE A 265 -2.35 -7.85 -8.00
C ILE A 265 -3.31 -6.72 -7.68
N PHE A 266 -3.97 -6.15 -8.71
CA PHE A 266 -4.93 -5.09 -8.48
C PHE A 266 -6.02 -5.55 -7.52
N LEU A 267 -6.65 -6.68 -7.81
CA LEU A 267 -7.76 -7.15 -7.00
C LEU A 267 -7.30 -7.54 -5.59
N ALA A 268 -6.14 -8.19 -5.48
CA ALA A 268 -5.64 -8.61 -4.18
C ALA A 268 -5.26 -7.43 -3.31
N GLY A 269 -4.63 -6.41 -3.90
CA GLY A 269 -4.33 -5.21 -3.14
C GLY A 269 -5.60 -4.51 -2.68
N GLY A 270 -6.60 -4.44 -3.54
CA GLY A 270 -7.87 -3.86 -3.13
C GLY A 270 -8.49 -4.61 -1.96
N VAL A 271 -8.53 -5.93 -2.06
CA VAL A 271 -9.16 -6.72 -1.01
C VAL A 271 -8.36 -6.62 0.28
N LEU A 272 -7.04 -6.56 0.20
CA LEU A 272 -6.20 -6.48 1.38
C LEU A 272 -6.39 -5.13 2.09
N PHE A 273 -6.38 -4.04 1.32
CA PHE A 273 -6.54 -2.71 1.91
C PHE A 273 -7.93 -2.57 2.53
N THR A 274 -8.96 -3.09 1.85
CA THR A 274 -10.29 -3.07 2.42
C THR A 274 -10.34 -3.88 3.71
N LEU A 275 -9.71 -5.06 3.71
CA LEU A 275 -9.71 -5.91 4.90
C LEU A 275 -9.06 -5.20 6.08
N THR A 276 -7.90 -4.58 5.87
CA THR A 276 -7.21 -3.98 7.00
C THR A 276 -7.93 -2.72 7.47
N VAL A 277 -8.50 -1.94 6.56
CA VAL A 277 -9.27 -0.77 7.01
C VAL A 277 -10.47 -1.23 7.83
N LEU A 278 -11.17 -2.27 7.37
CA LEU A 278 -12.33 -2.76 8.11
C LEU A 278 -11.93 -3.28 9.49
N ILE A 279 -10.83 -4.04 9.57
CA ILE A 279 -10.43 -4.59 10.86
C ILE A 279 -9.95 -3.47 11.79
N GLY A 280 -9.28 -2.45 11.25
CA GLY A 280 -8.88 -1.33 12.07
C GLY A 280 -10.06 -0.56 12.63
N LEU A 281 -11.06 -0.30 11.79
CA LEU A 281 -12.27 0.38 12.28
C LEU A 281 -12.98 -0.47 13.33
N TYR A 282 -13.07 -1.79 13.09
CA TYR A 282 -13.73 -2.67 14.05
C TYR A 282 -13.01 -2.66 15.39
N VAL A 283 -11.68 -2.73 15.37
CA VAL A 283 -10.92 -2.77 16.62
C VAL A 283 -11.01 -1.44 17.35
N GLN A 284 -10.92 -0.32 16.62
CA GLN A 284 -10.87 0.99 17.23
C GLN A 284 -12.24 1.58 17.53
N ASP A 285 -13.32 0.92 17.12
CA ASP A 285 -14.66 1.45 17.36
C ASP A 285 -15.48 0.57 18.30
N ILE A 286 -15.62 -0.72 17.98
CA ILE A 286 -16.53 -1.56 18.76
C ILE A 286 -15.81 -2.18 19.95
N LEU A 287 -14.64 -2.77 19.72
CA LEU A 287 -13.90 -3.40 20.80
C LEU A 287 -13.50 -2.38 21.87
N GLY A 288 -13.27 -1.13 21.46
CA GLY A 288 -12.97 -0.07 22.41
C GLY A 288 -11.54 -0.04 22.90
N TYR A 289 -10.67 -0.92 22.42
CA TYR A 289 -9.29 -0.93 22.85
C TYR A 289 -8.52 0.14 22.09
N SER A 290 -7.81 1.01 22.82
CA SER A 290 -7.10 2.11 22.19
C SER A 290 -5.85 1.59 21.49
N ALA A 291 -5.22 2.50 20.74
CA ALA A 291 -4.09 2.11 19.89
C ALA A 291 -2.90 1.63 20.70
N LEU A 292 -2.74 2.10 21.93
CA LEU A 292 -1.61 1.67 22.75
C LEU A 292 -1.63 0.16 22.96
N ARG A 293 -2.81 -0.41 23.19
CA ARG A 293 -2.97 -1.86 23.26
C ARG A 293 -3.39 -2.48 21.93
N ALA A 294 -3.93 -1.68 21.01
CA ALA A 294 -4.25 -2.21 19.69
C ALA A 294 -2.99 -2.63 18.93
N GLY A 295 -1.89 -1.91 19.11
CA GLY A 295 -0.64 -2.33 18.51
C GLY A 295 -0.19 -3.69 19.01
N VAL A 296 -0.28 -3.91 20.32
CA VAL A 296 0.05 -5.21 20.89
C VAL A 296 -0.89 -6.27 20.34
N GLY A 297 -2.19 -5.93 20.24
CA GLY A 297 -3.15 -6.88 19.71
C GLY A 297 -2.90 -7.26 18.26
N PHE A 298 -2.39 -6.33 17.47
CA PHE A 298 -2.09 -6.59 16.07
C PHE A 298 -0.67 -7.10 15.84
N ILE A 299 0.15 -7.16 16.90
CA ILE A 299 1.43 -7.85 16.79
C ILE A 299 1.27 -9.28 16.26
N PRO A 300 0.32 -10.10 16.75
CA PRO A 300 0.16 -11.44 16.17
C PRO A 300 -0.11 -11.43 14.68
N PHE A 301 -0.73 -10.37 14.15
CA PHE A 301 -0.89 -10.24 12.71
C PHE A 301 0.46 -10.24 12.01
N VAL A 302 1.42 -9.49 12.56
CA VAL A 302 2.75 -9.43 11.99
C VAL A 302 3.48 -10.75 12.17
N ILE A 303 3.28 -11.41 13.32
CA ILE A 303 3.92 -12.71 13.53
C ILE A 303 3.41 -13.73 12.52
N GLY A 304 2.10 -13.74 12.29
CA GLY A 304 1.52 -14.65 11.32
C GLY A 304 2.00 -14.36 9.90
N MET A 305 2.04 -13.08 9.53
CA MET A 305 2.58 -12.76 8.21
C MET A 305 4.03 -13.19 8.10
N GLY A 306 4.81 -13.02 9.17
CA GLY A 306 6.20 -13.42 9.11
C GLY A 306 6.37 -14.91 8.90
N ILE A 307 5.65 -15.72 9.66
CA ILE A 307 5.81 -17.17 9.55
C ILE A 307 5.29 -17.66 8.20
N GLY A 308 4.11 -17.19 7.78
CA GLY A 308 3.61 -17.55 6.47
C GLY A 308 4.50 -17.07 5.34
N LEU A 309 5.12 -15.91 5.51
CA LEU A 309 6.00 -15.35 4.50
C LEU A 309 7.27 -16.19 4.36
N GLY A 310 7.86 -16.57 5.49
CA GLY A 310 8.99 -17.47 5.43
C GLY A 310 8.64 -18.80 4.79
N ALA A 311 7.48 -19.37 5.16
CA ALA A 311 7.07 -20.63 4.58
C ALA A 311 6.90 -20.52 3.06
N ALA A 312 6.19 -19.48 2.61
CA ALA A 312 5.96 -19.30 1.18
C ALA A 312 7.27 -19.08 0.42
N SER A 313 8.15 -18.22 0.97
CA SER A 313 9.43 -17.98 0.31
C SER A 313 10.27 -19.25 0.25
N GLN A 314 10.09 -20.15 1.23
CA GLN A 314 10.82 -21.40 1.19
C GLN A 314 10.25 -22.35 0.14
N LEU A 315 8.93 -22.46 0.04
CA LEU A 315 8.34 -23.51 -0.79
C LEU A 315 7.89 -23.04 -2.18
N VAL A 316 8.13 -21.78 -2.55
CA VAL A 316 7.77 -21.33 -3.90
C VAL A 316 8.52 -22.14 -4.95
N ARG A 317 9.80 -22.44 -4.69
CA ARG A 317 10.66 -23.04 -5.71
C ARG A 317 10.21 -24.43 -6.14
N SER A 318 9.34 -25.09 -5.38
CA SER A 318 8.94 -26.46 -5.68
C SER A 318 7.46 -26.61 -6.04
N ILE A 319 6.63 -25.61 -5.78
CA ILE A 319 5.20 -25.72 -6.03
C ILE A 319 4.77 -24.55 -6.91
N PRO A 320 3.90 -24.77 -7.90
CA PRO A 320 3.56 -23.68 -8.82
C PRO A 320 2.88 -22.53 -8.08
N PRO A 321 3.03 -21.30 -8.59
CA PRO A 321 2.48 -20.14 -7.87
C PRO A 321 0.96 -20.07 -7.88
N ARG A 322 0.31 -20.59 -8.92
CA ARG A 322 -1.15 -20.47 -8.99
C ARG A 322 -1.81 -21.19 -7.82
N VAL A 323 -1.38 -22.42 -7.54
CA VAL A 323 -1.96 -23.16 -6.42
C VAL A 323 -1.56 -22.53 -5.09
N LEU A 324 -0.40 -21.87 -5.02
CA LEU A 324 -0.03 -21.16 -3.81
C LEU A 324 -0.98 -19.99 -3.55
N VAL A 325 -1.29 -19.22 -4.59
CA VAL A 325 -2.24 -18.12 -4.45
C VAL A 325 -3.61 -18.66 -4.07
N ILE A 326 -4.01 -19.79 -4.67
CA ILE A 326 -5.31 -20.38 -4.36
C ILE A 326 -5.36 -20.83 -2.90
N ALA A 327 -4.30 -21.46 -2.42
CA ALA A 327 -4.25 -21.91 -1.03
C ALA A 327 -4.25 -20.73 -0.06
N GLY A 328 -3.52 -19.67 -0.40
CA GLY A 328 -3.56 -18.48 0.43
C GLY A 328 -4.95 -17.87 0.47
N GLY A 329 -5.64 -17.86 -0.68
CA GLY A 329 -7.02 -17.40 -0.70
C GLY A 329 -7.92 -18.27 0.16
N ILE A 330 -7.70 -19.59 0.14
CA ILE A 330 -8.49 -20.48 0.98
C ILE A 330 -8.24 -20.19 2.46
N LEU A 331 -6.98 -19.98 2.83
CA LEU A 331 -6.67 -19.67 4.23
C LEU A 331 -7.29 -18.35 4.66
N VAL A 332 -7.23 -17.34 3.80
CA VAL A 332 -7.83 -16.05 4.14
C VAL A 332 -9.36 -16.17 4.20
N LEU A 333 -9.93 -16.99 3.32
CA LEU A 333 -11.38 -17.25 3.36
C LEU A 333 -11.77 -17.92 4.67
N GLY A 334 -10.96 -18.89 5.12
CA GLY A 334 -11.22 -19.51 6.41
C GLY A 334 -11.08 -18.53 7.56
N ALA A 335 -10.11 -17.63 7.47
CA ALA A 335 -9.98 -16.59 8.49
C ALA A 335 -11.22 -15.72 8.54
N MET A 336 -11.74 -15.33 7.37
CA MET A 336 -12.97 -14.55 7.33
C MET A 336 -14.16 -15.35 7.85
N ILE A 337 -14.22 -16.65 7.56
CA ILE A 337 -15.30 -17.47 8.08
C ILE A 337 -15.25 -17.52 9.60
N TYR A 338 -14.05 -17.70 10.16
CA TYR A 338 -13.91 -17.71 11.62
C TYR A 338 -14.28 -16.36 12.22
N GLY A 339 -13.86 -15.27 11.58
CA GLY A 339 -14.15 -13.94 12.09
C GLY A 339 -15.57 -13.46 11.87
N SER A 340 -16.33 -14.12 10.98
CA SER A 340 -17.71 -13.73 10.77
C SER A 340 -18.56 -13.90 12.02
N THR A 341 -18.16 -14.78 12.94
CA THR A 341 -18.87 -14.96 14.20
C THR A 341 -18.18 -14.15 15.29
N LEU A 342 -18.26 -12.83 15.15
CA LEU A 342 -17.63 -11.90 16.08
C LEU A 342 -18.66 -10.90 16.57
N HIS A 343 -18.63 -10.64 17.88
CA HIS A 343 -19.54 -9.68 18.51
C HIS A 343 -18.78 -8.93 19.59
N ARG A 344 -19.39 -7.85 20.07
CA ARG A 344 -18.79 -7.08 21.15
C ARG A 344 -18.75 -7.90 22.44
N GLY A 345 -17.64 -7.77 23.17
CA GLY A 345 -17.47 -8.47 24.43
C GLY A 345 -16.93 -9.88 24.33
N ILE A 346 -16.47 -10.29 23.16
CA ILE A 346 -15.92 -11.64 22.98
C ILE A 346 -14.61 -11.76 23.76
N PRO A 347 -14.27 -12.96 24.24
CA PRO A 347 -12.97 -13.13 24.91
C PRO A 347 -11.82 -12.83 23.97
N TYR A 348 -10.73 -12.33 24.56
CA TYR A 348 -9.58 -11.91 23.76
C TYR A 348 -8.94 -13.09 23.02
N PHE A 349 -8.79 -14.23 23.71
CA PHE A 349 -8.10 -15.38 23.15
C PHE A 349 -8.91 -16.64 23.39
N PRO A 350 -8.93 -17.58 22.44
CA PRO A 350 -8.32 -17.54 21.11
C PRO A 350 -9.32 -17.05 20.08
N ASN A 351 -10.36 -16.36 20.55
CA ASN A 351 -11.45 -15.93 19.67
C ASN A 351 -10.96 -14.97 18.60
N LEU A 352 -10.09 -14.03 18.96
CA LEU A 352 -9.64 -12.99 18.04
C LEU A 352 -8.23 -13.19 17.51
N VAL A 353 -7.30 -13.64 18.35
CA VAL A 353 -5.91 -13.74 17.91
C VAL A 353 -5.74 -14.81 16.83
N LEU A 354 -6.45 -15.93 16.97
CA LEU A 354 -6.34 -17.01 15.98
C LEU A 354 -6.78 -16.58 14.59
N PRO A 355 -7.96 -15.96 14.39
CA PRO A 355 -8.29 -15.47 13.04
C PRO A 355 -7.30 -14.45 12.52
N ILE A 356 -6.79 -13.57 13.37
CA ILE A 356 -5.85 -12.55 12.92
C ILE A 356 -4.56 -13.18 12.42
N THR A 357 -4.02 -14.14 13.19
CA THR A 357 -2.78 -14.78 12.75
C THR A 357 -3.00 -15.68 11.54
N ILE A 358 -4.18 -16.30 11.42
CA ILE A 358 -4.48 -17.08 10.22
C ILE A 358 -4.52 -16.15 9.01
N GLY A 359 -5.17 -15.00 9.16
CA GLY A 359 -5.19 -14.02 8.07
C GLY A 359 -3.80 -13.52 7.73
N GLY A 360 -2.95 -13.35 8.72
CA GLY A 360 -1.58 -12.96 8.46
C GLY A 360 -0.82 -14.00 7.66
N ILE A 361 -0.96 -15.26 8.04
CA ILE A 361 -0.31 -16.35 7.29
C ILE A 361 -0.80 -16.36 5.85
N GLY A 362 -2.12 -16.24 5.67
CA GLY A 362 -2.67 -16.25 4.33
C GLY A 362 -2.19 -15.07 3.50
N ILE A 363 -2.16 -13.88 4.11
CA ILE A 363 -1.71 -12.69 3.40
C ILE A 363 -0.26 -12.83 2.97
N GLY A 364 0.58 -13.37 3.85
CA GLY A 364 1.96 -13.61 3.47
C GLY A 364 2.08 -14.60 2.32
N THR A 365 1.34 -15.71 2.40
CA THR A 365 1.43 -16.73 1.36
C THR A 365 0.85 -16.27 0.03
N ILE A 366 -0.02 -15.25 0.02
CA ILE A 366 -0.49 -14.73 -1.26
C ILE A 366 0.42 -13.60 -1.75
N VAL A 367 1.05 -12.85 -0.84
CA VAL A 367 1.87 -11.72 -1.25
C VAL A 367 3.27 -12.12 -1.67
N VAL A 368 3.72 -13.32 -1.33
CA VAL A 368 5.01 -13.77 -1.88
C VAL A 368 4.91 -13.95 -3.39
N PRO A 369 4.07 -14.85 -3.91
CA PRO A 369 4.15 -15.16 -5.34
C PRO A 369 3.63 -14.05 -6.24
N LEU A 370 2.68 -13.25 -5.78
CA LEU A 370 2.16 -12.16 -6.61
C LEU A 370 3.26 -11.16 -6.92
N THR A 371 3.97 -10.68 -5.89
CA THR A 371 5.04 -9.73 -6.12
C THR A 371 6.28 -10.42 -6.66
N LEU A 372 6.34 -11.75 -6.56
CA LEU A 372 7.43 -12.48 -7.19
C LEU A 372 7.22 -12.60 -8.70
N SER A 373 5.97 -12.66 -9.14
CA SER A 373 5.65 -12.80 -10.55
C SER A 373 5.39 -11.47 -11.25
N ALA A 374 5.10 -10.41 -10.51
CA ALA A 374 5.01 -9.09 -11.12
C ALA A 374 6.34 -8.70 -11.75
N ILE A 375 7.43 -8.93 -11.02
CA ILE A 375 8.78 -8.76 -11.56
C ILE A 375 9.20 -10.14 -12.04
N ALA A 376 8.96 -10.42 -13.32
CA ALA A 376 9.12 -11.77 -13.85
C ALA A 376 10.27 -11.85 -14.85
N GLY A 377 11.39 -11.22 -14.52
CA GLY A 377 12.56 -11.27 -15.38
C GLY A 377 12.39 -10.55 -16.70
N VAL A 378 11.73 -9.38 -16.69
CA VAL A 378 11.64 -8.58 -17.90
C VAL A 378 12.99 -7.92 -18.16
N ASN A 379 13.14 -7.39 -19.38
CA ASN A 379 14.36 -6.70 -19.74
C ASN A 379 14.50 -5.42 -18.92
N LEU A 380 15.75 -5.02 -18.69
CA LEU A 380 16.04 -3.95 -17.74
C LEU A 380 15.44 -2.61 -18.14
N ASP A 381 15.07 -2.43 -19.40
CA ASP A 381 14.48 -1.17 -19.82
C ASP A 381 13.02 -1.03 -19.39
N ARG A 382 12.36 -2.14 -19.07
CA ARG A 382 10.95 -2.11 -18.69
C ARG A 382 10.72 -2.54 -17.24
N ILE A 383 11.77 -2.95 -16.51
CA ILE A 383 11.59 -3.43 -15.15
C ILE A 383 11.07 -2.31 -14.25
N GLY A 384 11.61 -1.09 -14.41
CA GLY A 384 11.15 0.05 -13.68
C GLY A 384 9.69 0.37 -13.93
N PRO A 385 9.30 0.49 -15.20
CA PRO A 385 7.87 0.68 -15.49
C PRO A 385 7.00 -0.46 -15.00
N ALA A 386 7.50 -1.70 -15.03
CA ALA A 386 6.72 -2.81 -14.51
C ALA A 386 6.48 -2.67 -13.02
N SER A 387 7.52 -2.30 -12.26
CA SER A 387 7.36 -2.08 -10.83
C SER A 387 6.43 -0.91 -10.56
N ALA A 388 6.54 0.15 -11.36
CA ALA A 388 5.63 1.28 -11.20
C ALA A 388 4.19 0.87 -11.45
N ILE A 389 3.95 0.05 -12.47
CA ILE A 389 2.61 -0.45 -12.75
C ILE A 389 2.11 -1.29 -11.58
N ALA A 390 2.96 -2.15 -11.04
CA ALA A 390 2.56 -3.00 -9.92
C ALA A 390 2.14 -2.15 -8.72
N LEU A 391 2.98 -1.17 -8.35
CA LEU A 391 2.63 -0.33 -7.21
C LEU A 391 1.39 0.52 -7.49
N MET A 392 1.26 1.03 -8.71
CA MET A 392 0.09 1.84 -9.05
C MET A 392 -1.18 1.03 -8.92
N LEU A 393 -1.18 -0.22 -9.44
CA LEU A 393 -2.34 -1.08 -9.30
C LEU A 393 -2.61 -1.44 -7.85
N GLN A 394 -1.55 -1.73 -7.08
CA GLN A 394 -1.70 -2.10 -5.69
C GLN A 394 -2.36 -0.98 -4.91
N ASN A 395 -1.95 0.26 -5.15
CA ASN A 395 -2.56 1.39 -4.46
C ASN A 395 -3.95 1.68 -4.99
N LEU A 396 -4.17 1.55 -6.30
CA LEU A 396 -5.45 1.95 -6.89
C LEU A 396 -6.56 0.97 -6.55
N GLY A 397 -6.26 -0.32 -6.39
CA GLY A 397 -7.29 -1.28 -6.10
C GLY A 397 -8.01 -1.02 -4.79
N GLY A 398 -7.29 -0.50 -3.81
CA GLY A 398 -7.82 -0.34 -2.47
C GLY A 398 -9.09 0.49 -2.38
N PRO A 399 -8.97 1.80 -2.65
CA PRO A 399 -10.16 2.66 -2.55
C PRO A 399 -11.29 2.24 -3.47
N LEU A 400 -10.96 1.68 -4.64
CA LEU A 400 -11.98 1.28 -5.60
C LEU A 400 -12.98 0.31 -4.99
N VAL A 401 -12.48 -0.69 -4.24
CA VAL A 401 -13.38 -1.65 -3.61
C VAL A 401 -13.83 -1.18 -2.23
N LEU A 402 -13.01 -0.38 -1.54
CA LEU A 402 -13.39 0.07 -0.20
C LEU A 402 -14.60 1.00 -0.25
N ALA A 403 -14.68 1.85 -1.28
CA ALA A 403 -15.82 2.75 -1.37
C ALA A 403 -17.13 1.97 -1.44
N VAL A 404 -17.21 0.99 -2.34
CA VAL A 404 -18.45 0.23 -2.49
C VAL A 404 -18.70 -0.65 -1.28
N ILE A 405 -17.65 -1.22 -0.68
CA ILE A 405 -17.84 -2.07 0.49
C ILE A 405 -18.38 -1.25 1.66
N GLN A 406 -17.82 -0.06 1.89
CA GLN A 406 -18.32 0.79 2.96
C GLN A 406 -19.72 1.31 2.65
N ALA A 407 -20.03 1.56 1.37
CA ALA A 407 -21.39 1.93 1.02
C ALA A 407 -22.37 0.82 1.37
N VAL A 408 -21.99 -0.43 1.08
CA VAL A 408 -22.83 -1.58 1.44
C VAL A 408 -22.98 -1.68 2.95
N ILE A 409 -21.88 -1.46 3.69
CA ILE A 409 -21.94 -1.53 5.15
C ILE A 409 -22.88 -0.46 5.69
N THR A 410 -22.79 0.76 5.19
CA THR A 410 -23.67 1.83 5.64
C THR A 410 -25.12 1.56 5.27
N SER A 411 -25.35 0.99 4.08
CA SER A 411 -26.71 0.63 3.69
C SER A 411 -27.29 -0.42 4.63
N ARG A 412 -26.48 -1.43 4.98
CA ARG A 412 -26.94 -2.45 5.92
C ARG A 412 -27.21 -1.83 7.29
N THR A 413 -26.35 -0.91 7.73
CA THR A 413 -26.57 -0.24 9.00
C THR A 413 -27.89 0.54 9.00
N LEU A 414 -28.17 1.25 7.91
CA LEU A 414 -29.43 1.97 7.80
C LEU A 414 -30.62 1.02 7.77
N PHE A 415 -30.51 -0.08 7.02
CA PHE A 415 -31.63 -1.00 6.89
C PHE A 415 -31.95 -1.68 8.21
N LEU A 416 -30.93 -2.26 8.86
CA LEU A 416 -31.15 -2.90 10.15
C LEU A 416 -31.49 -1.87 11.22
N GLY A 417 -30.82 -0.72 11.19
CA GLY A 417 -31.08 0.33 12.16
C GLY A 417 -29.80 0.89 12.75
N GLY A 418 -29.62 2.20 12.65
CA GLY A 418 -28.43 2.83 13.19
C GLY A 418 -28.33 4.27 12.72
N THR A 419 -27.25 4.91 13.14
CA THR A 419 -26.97 6.29 12.80
C THR A 419 -25.51 6.43 12.44
N THR A 420 -25.22 7.31 11.49
CA THR A 420 -23.86 7.60 11.05
C THR A 420 -23.38 8.88 11.74
N GLY A 421 -22.29 8.77 12.48
CA GLY A 421 -21.76 9.91 13.18
C GLY A 421 -20.59 9.58 14.10
N PRO A 422 -20.54 10.23 15.26
CA PRO A 422 -19.40 10.08 16.16
C PRO A 422 -19.38 8.75 16.90
N VAL A 423 -18.43 8.62 17.84
CA VAL A 423 -18.32 7.39 18.62
C VAL A 423 -19.60 7.14 19.40
N LYS A 424 -19.99 5.87 19.50
CA LYS A 424 -21.14 5.40 20.25
C LYS A 424 -22.46 5.78 19.57
N ALA A 425 -22.37 6.60 18.53
CA ALA A 425 -23.51 6.97 17.69
C ALA A 425 -24.78 7.25 18.47
N MET A 426 -25.86 6.54 18.13
CA MET A 426 -27.15 6.66 18.78
C MET A 426 -27.20 5.64 19.94
N ASN A 427 -28.39 5.40 20.50
CA ASN A 427 -28.56 4.48 21.62
C ASN A 427 -27.83 3.16 21.36
N ASP A 428 -27.37 2.53 22.44
CA ASP A 428 -26.45 1.41 22.35
C ASP A 428 -27.06 0.19 21.67
N GLU A 429 -28.37 0.16 21.47
CA GLU A 429 -29.00 -1.00 20.83
C GLU A 429 -28.57 -1.18 19.37
N GLN A 430 -27.97 -0.17 18.75
CA GLN A 430 -27.55 -0.27 17.35
C GLN A 430 -26.15 -0.82 17.18
N ILE A 431 -25.40 -1.03 18.26
CA ILE A 431 -24.05 -1.55 18.12
C ILE A 431 -24.07 -2.98 17.58
N GLY A 432 -25.07 -3.76 17.99
CA GLY A 432 -25.21 -5.10 17.44
C GLY A 432 -25.51 -5.07 15.95
N ALA A 433 -26.39 -4.15 15.53
CA ALA A 433 -26.65 -3.99 14.10
C ALA A 433 -25.39 -3.59 13.36
N LEU A 434 -24.56 -2.74 13.99
CA LEU A 434 -23.32 -2.33 13.34
C LEU A 434 -22.35 -3.50 13.20
N ASP A 435 -22.25 -4.36 14.22
CA ASP A 435 -21.42 -5.55 14.08
C ASP A 435 -21.96 -6.47 12.99
N ALA A 436 -23.28 -6.62 12.91
CA ALA A 436 -23.86 -7.43 11.85
C ALA A 436 -23.53 -6.86 10.48
N ALA A 437 -23.60 -5.53 10.34
CA ALA A 437 -23.25 -4.90 9.07
C ALA A 437 -21.78 -5.09 8.75
N TYR A 438 -20.92 -5.01 9.76
CA TYR A 438 -19.49 -5.21 9.53
C TYR A 438 -19.22 -6.65 9.09
N THR A 439 -19.90 -7.63 9.69
CA THR A 439 -19.74 -9.01 9.26
C THR A 439 -20.26 -9.23 7.85
N TYR A 440 -21.38 -8.58 7.50
CA TYR A 440 -21.90 -8.68 6.15
C TYR A 440 -20.91 -8.09 5.13
N GLY A 441 -20.34 -6.93 5.45
CA GLY A 441 -19.30 -6.38 4.61
C GLY A 441 -18.07 -7.25 4.54
N LEU A 442 -17.75 -7.94 5.64
CA LEU A 442 -16.64 -8.88 5.63
C LEU A 442 -16.90 -10.03 4.67
N LEU A 443 -18.13 -10.53 4.66
CA LEU A 443 -18.50 -11.58 3.72
C LEU A 443 -18.41 -11.09 2.29
N TRP A 444 -18.81 -9.85 2.04
CA TRP A 444 -18.65 -9.28 0.70
C TRP A 444 -17.18 -9.18 0.32
N VAL A 445 -16.32 -8.80 1.28
CA VAL A 445 -14.88 -8.78 1.03
C VAL A 445 -14.39 -10.19 0.71
N ALA A 446 -14.94 -11.19 1.38
CA ALA A 446 -14.58 -12.57 1.08
C ALA A 446 -14.99 -12.94 -0.35
N ALA A 447 -16.15 -12.48 -0.79
CA ALA A 447 -16.56 -12.71 -2.17
C ALA A 447 -15.60 -12.03 -3.15
N VAL A 448 -15.16 -10.82 -2.82
CA VAL A 448 -14.19 -10.13 -3.66
C VAL A 448 -12.88 -10.92 -3.71
N ALA A 449 -12.47 -11.50 -2.58
CA ALA A 449 -11.29 -12.35 -2.56
C ALA A 449 -11.49 -13.61 -3.38
N VAL A 450 -12.71 -14.14 -3.42
CA VAL A 450 -13.02 -15.27 -4.30
C VAL A 450 -12.80 -14.86 -5.75
N LEU A 451 -13.25 -13.66 -6.10
CA LEU A 451 -12.97 -13.12 -7.43
C LEU A 451 -11.47 -12.99 -7.67
N VAL A 452 -10.73 -12.58 -6.64
CA VAL A 452 -9.28 -12.47 -6.75
C VAL A 452 -8.67 -13.82 -7.10
N GLY A 453 -9.10 -14.87 -6.40
CA GLY A 453 -8.58 -16.20 -6.67
C GLY A 453 -8.96 -16.70 -8.05
N ALA A 454 -10.20 -16.44 -8.47
CA ALA A 454 -10.62 -16.83 -9.81
C ALA A 454 -9.77 -16.14 -10.87
N ALA A 455 -9.50 -14.84 -10.70
CA ALA A 455 -8.64 -14.14 -11.65
C ALA A 455 -7.22 -14.66 -11.62
N ALA A 456 -6.70 -14.95 -10.43
CA ALA A 456 -5.32 -15.45 -10.31
C ALA A 456 -5.17 -16.85 -10.84
N LEU A 457 -6.27 -17.60 -10.96
CA LEU A 457 -6.19 -18.93 -11.57
C LEU A 457 -5.70 -18.83 -13.01
N PHE A 458 -5.98 -17.72 -13.69
CA PHE A 458 -5.54 -17.51 -15.07
C PHE A 458 -4.03 -17.33 -15.18
N ILE A 459 -3.32 -17.16 -14.07
CA ILE A 459 -1.88 -16.97 -14.11
C ILE A 459 -1.24 -18.27 -14.59
N GLY A 460 -0.76 -18.27 -15.83
CA GLY A 460 -0.15 -19.44 -16.43
C GLY A 460 1.34 -19.57 -16.19
N TYR A 461 1.93 -18.69 -15.38
CA TYR A 461 3.35 -18.77 -15.12
C TYR A 461 3.67 -20.00 -14.28
N THR A 462 4.66 -20.77 -14.73
CA THR A 462 5.10 -21.95 -14.01
C THR A 462 6.13 -21.58 -12.95
N SER A 463 6.23 -22.43 -11.92
CA SER A 463 7.20 -22.19 -10.87
C SER A 463 8.63 -22.23 -11.40
N GLN A 464 8.92 -23.17 -12.28
CA GLN A 464 10.28 -23.28 -12.82
C GLN A 464 10.63 -22.10 -13.71
N GLN A 465 9.65 -21.33 -14.17
CA GLN A 465 9.94 -20.21 -15.07
C GLN A 465 10.41 -18.98 -14.29
N VAL A 466 9.55 -18.43 -13.44
CA VAL A 466 9.88 -17.24 -12.65
C VAL A 466 9.72 -17.59 -11.18
N ALA A 467 10.83 -18.04 -10.58
CA ALA A 467 10.93 -18.39 -9.16
C ALA A 467 12.26 -19.08 -8.86
N HIS A 468 12.52 -20.18 -9.55
CA HIS A 468 13.57 -21.11 -9.12
C HIS A 468 14.96 -20.64 -9.56
N ALA A 469 15.21 -20.64 -10.87
CA ALA A 469 16.57 -20.34 -11.30
C ALA A 469 16.65 -19.25 -12.36
N GLN A 470 15.70 -19.20 -13.29
CA GLN A 470 15.81 -18.30 -14.43
C GLN A 470 14.45 -17.95 -15.01
C1 PTY B . -1.22 -3.17 7.06
C2 PTY B . -3.94 2.80 6.43
C3 PTY B . -3.63 1.99 5.17
O4 PTY B . -1.80 -4.03 6.09
C5 PTY B . -2.22 -0.89 6.81
C6 PTY B . -2.28 -2.19 7.59
O7 PTY B . -2.06 -1.92 8.95
C8 PTY B . -3.11 -2.37 9.82
O10 PTY B . -4.03 -1.68 10.04
C11 PTY B . -3.01 -3.76 10.49
C12 PTY B . -4.39 -4.48 10.39
C13 PTY B . -4.19 -6.02 10.35
C14 PTY B . -5.00 -6.63 9.16
C15 PTY B . -5.66 -7.96 9.64
C16 PTY B . -6.45 -8.61 8.46
C17 PTY B . -7.80 -9.17 9.03
C18 PTY B . -7.90 -10.68 8.71
C19 PTY B . -9.38 -11.12 8.86
C20 PTY B . -9.88 -10.76 10.30
C21 PTY B . -11.37 -10.35 10.26
C22 PTY B . -12.03 -10.69 11.62
C23 PTY B . -13.15 -9.66 11.93
C30 PTY B . -0.95 -4.24 4.96
C31 PTY B . -0.12 -5.55 4.84
O30 PTY B . -0.87 -3.42 4.10
C32 PTY B . -0.13 -6.04 3.35
C33 PTY B . 1.24 -5.74 2.70
C34 PTY B . 1.03 -5.42 1.18
C35 PTY B . 2.27 -4.70 0.62
C36 PTY B . 3.34 -5.76 0.21
C37 PTY B . 4.37 -5.11 -0.76
C38 PTY B . 3.67 -4.76 -2.09
C39 PTY B . 4.00 -5.85 -3.14
C40 PTY B . 3.12 -5.64 -4.40
C41 PTY B . 2.25 -6.90 -4.65
C42 PTY B . 1.03 -6.88 -3.69
C43 PTY B . 0.41 -8.30 -3.59
C44 PTY B . -0.75 -8.29 -2.58
P1 PTY B . -1.91 0.12 4.38
O11 PTY B . -2.28 1.54 5.19
O12 PTY B . -2.91 -0.12 3.28
O13 PTY B . -0.52 0.25 3.79
O14 PTY B . -1.94 -1.16 5.46
N1 PTY B . -5.32 3.26 6.39
#